data_8R25
#
_entry.id   8R25
#
_cell.length_a   98.352
_cell.length_b   98.352
_cell.length_c   80.228
_cell.angle_alpha   90.000
_cell.angle_beta   90.000
_cell.angle_gamma   120.000
#
_symmetry.space_group_name_H-M   'P 65'
#
loop_
_entity.id
_entity.type
_entity.pdbx_description
1 polymer 'Serine/threonine-protein kinase pim-1'
2 polymer Pimtide
3 non-polymer GLYCEROL
4 non-polymer '4-(5-(4-aminophenyl)-1H-pyrazol-1-yl)benzoic acid'
5 water water
#
loop_
_entity_poly.entity_id
_entity_poly.type
_entity_poly.pdbx_seq_one_letter_code
_entity_poly.pdbx_strand_id
1 'polypeptide(L)'
;SMLLSKINSLAHLRAAPCNDLHATKLAPGKEKEPLESQYQVGPLLGSGGFGSVYSGIRVSDNLPVAIKHVEKDRISDWGE
LPNGTRVPMEVVLLKKVSSGFSGVIRLLDWFERPDSFVLILERPEPVQDLFDFITERGALQEELARSFFWQVLEAVRHCH
NCGVLHRDIKDENILIDLNRGELKLIDFGSGALLKDTVYTDFDGTRVYSPPEWIRYHRYHGRSAAVWSLGILLYDMVCGD
IPFEHDEEIIGGQVFFRQRVS(SEP)ECQHLIRWCLALRPSDRPTFEEIQNHPWMQDVLLPQETAEIHLHSLSPGPS
;
A
2 'polypeptide(L)' ARKRRRHPSGPPTA B
#
# COMPACT_ATOMS: atom_id res chain seq x y z
N PRO A 34 4.73 -13.41 -27.05
CA PRO A 34 6.15 -13.68 -26.85
C PRO A 34 6.72 -12.96 -25.63
N LEU A 35 6.51 -13.52 -24.44
CA LEU A 35 7.03 -12.91 -23.23
C LEU A 35 8.52 -13.21 -23.03
N GLU A 36 9.00 -14.34 -23.55
CA GLU A 36 10.40 -14.69 -23.37
C GLU A 36 11.32 -13.85 -24.24
N SER A 37 10.81 -13.38 -25.39
CA SER A 37 11.62 -12.60 -26.32
C SER A 37 11.51 -11.09 -26.11
N GLN A 38 10.53 -10.64 -25.33
CA GLN A 38 10.31 -9.20 -25.15
C GLN A 38 10.96 -8.65 -23.89
N TYR A 39 11.30 -9.50 -22.91
CA TYR A 39 11.90 -9.06 -21.67
C TYR A 39 13.06 -9.95 -21.31
N GLN A 40 14.08 -9.35 -20.69
CA GLN A 40 15.23 -10.08 -20.18
C GLN A 40 15.04 -10.25 -18.68
N VAL A 41 14.90 -11.50 -18.24
CA VAL A 41 14.58 -11.79 -16.84
C VAL A 41 15.87 -11.82 -16.03
N GLY A 42 15.90 -11.03 -14.95
CA GLY A 42 17.05 -10.98 -14.07
C GLY A 42 16.83 -11.78 -12.81
N PRO A 43 17.39 -11.29 -11.70
CA PRO A 43 17.30 -12.04 -10.44
C PRO A 43 15.92 -11.90 -9.80
N LEU A 44 15.65 -12.82 -8.88
CA LEU A 44 14.41 -12.81 -8.12
C LEU A 44 14.43 -11.68 -7.11
N LEU A 45 13.46 -10.77 -7.21
CA LEU A 45 13.41 -9.65 -6.27
C LEU A 45 12.73 -10.02 -4.96
N GLY A 46 11.76 -10.91 -5.00
CA GLY A 46 11.07 -11.34 -3.80
C GLY A 46 9.92 -12.25 -4.14
N SER A 47 9.37 -12.86 -3.10
CA SER A 47 8.25 -13.78 -3.25
C SER A 47 7.42 -13.76 -1.98
N GLY A 48 6.22 -14.30 -2.08
CA GLY A 48 5.31 -14.38 -0.96
C GLY A 48 3.87 -14.30 -1.44
N GLY A 49 3.04 -13.60 -0.66
CA GLY A 49 1.65 -13.42 -1.04
C GLY A 49 1.48 -12.72 -2.37
N PHE A 50 2.47 -11.93 -2.78
CA PHE A 50 2.40 -11.24 -4.05
C PHE A 50 3.06 -12.09 -5.14
N GLY A 51 2.96 -13.41 -5.01
CA GLY A 51 3.53 -14.30 -6.01
C GLY A 51 5.05 -14.30 -5.95
N SER A 52 5.65 -14.32 -7.14
CA SER A 52 7.11 -14.25 -7.28
C SER A 52 7.43 -13.12 -8.23
N VAL A 53 8.33 -12.23 -7.82
CA VAL A 53 8.65 -11.02 -8.56
C VAL A 53 10.11 -11.09 -8.97
N TYR A 54 10.37 -10.98 -10.27
CA TYR A 54 11.72 -11.00 -10.83
C TYR A 54 12.08 -9.63 -11.37
N SER A 55 13.35 -9.25 -11.20
CA SER A 55 13.85 -8.06 -11.87
C SER A 55 13.91 -8.32 -13.37
N GLY A 56 13.65 -7.28 -14.15
CA GLY A 56 13.61 -7.43 -15.59
C GLY A 56 13.97 -6.14 -16.30
N ILE A 57 14.28 -6.28 -17.58
CA ILE A 57 14.59 -5.17 -18.47
C ILE A 57 13.86 -5.39 -19.78
N ARG A 58 13.06 -4.42 -20.20
CA ARG A 58 12.37 -4.52 -21.48
C ARG A 58 13.37 -4.31 -22.61
N VAL A 59 13.49 -5.31 -23.49
CA VAL A 59 14.50 -5.26 -24.54
C VAL A 59 14.26 -4.10 -25.49
N SER A 60 13.01 -3.65 -25.62
CA SER A 60 12.69 -2.59 -26.57
C SER A 60 13.35 -1.27 -26.19
N ASP A 61 13.56 -1.01 -24.89
CA ASP A 61 14.15 0.26 -24.48
C ASP A 61 14.93 0.18 -23.17
N ASN A 62 15.27 -1.01 -22.69
CA ASN A 62 16.04 -1.19 -21.46
C ASN A 62 15.36 -0.52 -20.26
N LEU A 63 14.04 -0.45 -20.27
CA LEU A 63 13.31 0.12 -19.14
C LEU A 63 13.24 -0.89 -18.01
N PRO A 64 13.65 -0.52 -16.79
CA PRO A 64 13.58 -1.47 -15.67
C PRO A 64 12.14 -1.83 -15.35
N VAL A 65 11.85 -3.14 -15.34
CA VAL A 65 10.51 -3.65 -15.08
C VAL A 65 10.59 -4.71 -13.99
N ALA A 66 9.46 -4.92 -13.33
CA ALA A 66 9.29 -6.02 -12.38
C ALA A 66 8.31 -7.03 -12.97
N ILE A 67 8.73 -8.28 -13.03
CA ILE A 67 7.95 -9.35 -13.65
C ILE A 67 7.36 -10.19 -12.54
N LYS A 68 6.04 -10.09 -12.35
CA LYS A 68 5.34 -10.71 -11.22
C LYS A 68 4.51 -11.87 -11.74
N HIS A 69 4.77 -13.06 -11.20
CA HIS A 69 4.04 -14.27 -11.55
C HIS A 69 3.03 -14.60 -10.46
N VAL A 70 1.82 -14.95 -10.87
CA VAL A 70 0.75 -15.32 -9.95
C VAL A 70 0.13 -16.63 -10.45
N GLU A 71 0.08 -17.64 -9.58
CA GLU A 71 -0.52 -18.91 -9.95
C GLU A 71 -2.03 -18.79 -10.01
N LYS A 72 -2.63 -19.43 -11.02
CA LYS A 72 -4.08 -19.37 -11.18
C LYS A 72 -4.80 -20.03 -10.01
N ASP A 73 -4.27 -21.16 -9.53
CA ASP A 73 -4.91 -21.89 -8.44
C ASP A 73 -4.87 -21.15 -7.11
N ARG A 74 -4.10 -20.05 -7.01
CA ARG A 74 -4.01 -19.27 -5.79
C ARG A 74 -4.68 -17.92 -5.91
N ILE A 75 -5.57 -17.74 -6.89
CA ILE A 75 -6.25 -16.48 -7.13
C ILE A 75 -7.64 -16.56 -6.50
N SER A 76 -7.96 -15.59 -5.64
CA SER A 76 -9.26 -15.61 -4.96
C SER A 76 -10.34 -14.94 -5.80
N ASP A 77 -10.20 -13.65 -6.08
CA ASP A 77 -11.20 -12.88 -6.80
C ASP A 77 -10.82 -12.78 -8.27
N TRP A 78 -11.78 -13.04 -9.14
CA TRP A 78 -11.59 -12.95 -10.59
C TRP A 78 -12.44 -11.83 -11.16
N GLY A 79 -11.94 -11.23 -12.24
CA GLY A 79 -12.64 -10.17 -12.92
C GLY A 79 -12.69 -10.41 -14.42
N GLU A 80 -13.30 -9.46 -15.12
CA GLU A 80 -13.46 -9.56 -16.56
C GLU A 80 -13.11 -8.21 -17.20
N LEU A 81 -12.29 -8.25 -18.23
CA LEU A 81 -11.94 -7.05 -18.98
C LEU A 81 -13.06 -6.67 -19.94
N PRO A 82 -13.04 -5.43 -20.46
CA PRO A 82 -14.02 -5.06 -21.50
C PRO A 82 -14.14 -6.07 -22.63
N ASN A 83 -13.02 -6.70 -23.02
CA ASN A 83 -13.07 -7.72 -24.06
C ASN A 83 -13.70 -9.03 -23.60
N GLY A 84 -14.09 -9.13 -22.33
CA GLY A 84 -14.71 -10.34 -21.81
C GLY A 84 -13.76 -11.38 -21.27
N THR A 85 -12.46 -11.20 -21.46
CA THR A 85 -11.49 -12.18 -20.97
C THR A 85 -11.48 -12.20 -19.45
N ARG A 86 -11.47 -13.41 -18.88
CA ARG A 86 -11.46 -13.58 -17.43
C ARG A 86 -10.03 -13.42 -16.92
N VAL A 87 -9.77 -12.32 -16.23
CA VAL A 87 -8.44 -12.02 -15.71
C VAL A 87 -8.55 -11.92 -14.21
N PRO A 88 -7.42 -12.02 -13.49
CA PRO A 88 -7.45 -11.78 -12.05
C PRO A 88 -7.90 -10.36 -11.74
N MET A 89 -8.62 -10.22 -10.62
CA MET A 89 -9.09 -8.89 -10.22
C MET A 89 -7.93 -7.91 -10.06
N GLU A 90 -6.75 -8.39 -9.67
CA GLU A 90 -5.59 -7.53 -9.54
C GLU A 90 -5.27 -6.82 -10.85
N VAL A 91 -5.40 -7.53 -11.97
CA VAL A 91 -5.17 -6.91 -13.27
C VAL A 91 -6.21 -5.83 -13.54
N VAL A 92 -7.48 -6.10 -13.20
CA VAL A 92 -8.54 -5.11 -13.41
C VAL A 92 -8.24 -3.84 -12.63
N LEU A 93 -7.86 -4.00 -11.35
CA LEU A 93 -7.60 -2.83 -10.52
C LEU A 93 -6.37 -2.06 -10.98
N LEU A 94 -5.31 -2.78 -11.36
CA LEU A 94 -4.09 -2.11 -11.82
C LEU A 94 -4.36 -1.30 -13.09
N LYS A 95 -5.16 -1.84 -14.01
CA LYS A 95 -5.49 -1.09 -15.22
C LYS A 95 -6.26 0.18 -14.91
N LYS A 96 -7.15 0.13 -13.91
CA LYS A 96 -7.95 1.30 -13.58
C LYS A 96 -7.12 2.42 -12.97
N VAL A 97 -6.01 2.09 -12.29
CA VAL A 97 -5.17 3.11 -11.68
C VAL A 97 -3.93 3.44 -12.50
N SER A 98 -3.69 2.70 -13.60
CA SER A 98 -2.51 2.93 -14.43
C SER A 98 -2.62 4.18 -15.28
N SER A 99 -2.90 5.33 -14.66
CA SER A 99 -3.08 6.58 -15.37
C SER A 99 -1.79 7.35 -15.59
N GLY A 100 -0.68 6.90 -15.00
CA GLY A 100 0.56 7.64 -15.06
C GLY A 100 0.91 8.39 -13.78
N PHE A 101 -0.03 8.53 -12.86
CA PHE A 101 0.26 9.11 -11.55
C PHE A 101 1.30 8.25 -10.85
N SER A 102 2.43 8.87 -10.51
CA SER A 102 3.59 8.12 -10.00
C SER A 102 3.35 7.53 -8.61
N GLY A 103 2.25 7.85 -7.94
CA GLY A 103 2.05 7.37 -6.58
C GLY A 103 1.62 5.92 -6.50
N VAL A 104 1.23 5.30 -7.60
CA VAL A 104 0.84 3.89 -7.61
C VAL A 104 1.72 3.16 -8.62
N ILE A 105 1.93 1.86 -8.37
CA ILE A 105 2.69 1.04 -9.30
C ILE A 105 1.93 0.96 -10.62
N ARG A 106 2.67 1.06 -11.72
CA ARG A 106 2.08 1.12 -13.06
C ARG A 106 2.21 -0.24 -13.72
N LEU A 107 1.07 -0.80 -14.12
CA LEU A 107 1.05 -2.03 -14.90
C LEU A 107 1.31 -1.70 -16.37
N LEU A 108 2.40 -2.24 -16.92
CA LEU A 108 2.78 -1.98 -18.31
C LEU A 108 2.20 -2.99 -19.28
N ASP A 109 2.04 -4.24 -18.86
CA ASP A 109 1.56 -5.30 -19.74
C ASP A 109 1.27 -6.51 -18.86
N TRP A 110 0.63 -7.51 -19.47
CA TRP A 110 0.37 -8.76 -18.77
C TRP A 110 0.17 -9.86 -19.79
N PHE A 111 0.41 -11.10 -19.35
CA PHE A 111 0.30 -12.27 -20.20
C PHE A 111 -0.43 -13.37 -19.43
N GLU A 112 -1.08 -14.26 -20.18
CA GLU A 112 -1.69 -15.44 -19.60
C GLU A 112 -0.89 -16.67 -19.98
N ARG A 113 -0.67 -17.54 -19.01
CA ARG A 113 0.02 -18.81 -19.19
C ARG A 113 -0.92 -19.94 -18.79
N PRO A 114 -0.62 -21.20 -19.13
CA PRO A 114 -1.54 -22.30 -18.78
C PRO A 114 -1.96 -22.33 -17.32
N ASP A 115 -1.05 -22.06 -16.39
CA ASP A 115 -1.35 -22.18 -14.97
C ASP A 115 -1.02 -20.92 -14.18
N SER A 116 -0.80 -19.79 -14.84
CA SER A 116 -0.40 -18.59 -14.15
C SER A 116 -0.66 -17.36 -15.02
N PHE A 117 -0.65 -16.20 -14.36
CA PHE A 117 -0.64 -14.91 -15.02
C PHE A 117 0.68 -14.21 -14.72
N VAL A 118 1.22 -13.52 -15.72
CA VAL A 118 2.47 -12.78 -15.59
C VAL A 118 2.16 -11.30 -15.74
N LEU A 119 2.56 -10.50 -14.76
CA LEU A 119 2.29 -9.07 -14.73
C LEU A 119 3.59 -8.30 -14.92
N ILE A 120 3.62 -7.41 -15.90
CA ILE A 120 4.78 -6.57 -16.18
C ILE A 120 4.56 -5.23 -15.52
N LEU A 121 5.32 -4.95 -14.47
CA LEU A 121 5.19 -3.73 -13.69
C LEU A 121 6.41 -2.85 -13.90
N GLU A 122 6.21 -1.54 -13.77
CA GLU A 122 7.35 -0.62 -13.74
C GLU A 122 8.23 -0.92 -12.54
N ARG A 123 9.51 -0.57 -12.65
CA ARG A 123 10.46 -0.80 -11.57
C ARG A 123 11.32 0.44 -11.38
N PRO A 124 10.99 1.29 -10.41
CA PRO A 124 11.89 2.39 -10.06
C PRO A 124 13.16 1.86 -9.41
N GLU A 125 14.24 2.62 -9.57
CA GLU A 125 15.54 2.24 -9.03
C GLU A 125 16.26 3.50 -8.56
N PRO A 126 16.94 3.46 -7.41
CA PRO A 126 16.97 2.35 -6.43
C PRO A 126 15.77 2.43 -5.49
N VAL A 127 15.30 1.31 -4.94
CA VAL A 127 14.13 1.32 -4.07
C VAL A 127 14.42 0.52 -2.81
N GLN A 128 13.66 0.83 -1.77
CA GLN A 128 13.56 0.02 -0.57
C GLN A 128 12.12 0.16 -0.08
N ASP A 129 11.52 -0.95 0.35
CA ASP A 129 10.15 -0.83 0.83
C ASP A 129 10.15 -0.15 2.21
N LEU A 130 8.98 0.40 2.56
CA LEU A 130 8.90 1.21 3.77
C LEU A 130 9.07 0.38 5.03
N PHE A 131 8.77 -0.92 4.99
CA PHE A 131 9.00 -1.77 6.15
C PHE A 131 10.49 -1.86 6.47
N ASP A 132 11.30 -2.22 5.47
CA ASP A 132 12.75 -2.30 5.71
C ASP A 132 13.32 -0.95 6.08
N PHE A 133 12.80 0.12 5.48
CA PHE A 133 13.27 1.48 5.77
C PHE A 133 13.07 1.80 7.25
N ILE A 134 11.87 1.52 7.78
CA ILE A 134 11.59 1.83 9.18
C ILE A 134 12.38 0.89 10.09
N THR A 135 12.56 -0.36 9.69
CA THR A 135 13.36 -1.29 10.50
C THR A 135 14.79 -0.78 10.65
N GLU A 136 15.37 -0.24 9.58
CA GLU A 136 16.77 0.17 9.63
C GLU A 136 16.95 1.53 10.28
N ARG A 137 16.03 2.46 10.06
CA ARG A 137 16.19 3.81 10.57
C ARG A 137 15.50 4.02 11.92
N GLY A 138 14.63 3.12 12.34
CA GLY A 138 13.87 3.34 13.55
C GLY A 138 12.69 4.27 13.28
N ALA A 139 12.18 4.87 14.36
CA ALA A 139 11.11 5.86 14.23
C ALA A 139 11.58 7.04 13.39
N LEU A 140 10.73 7.47 12.46
CA LEU A 140 11.08 8.53 11.53
C LEU A 140 10.82 9.90 12.15
N GLN A 141 11.69 10.86 11.84
CA GLN A 141 11.40 12.25 12.15
C GLN A 141 10.06 12.65 11.55
N GLU A 142 9.30 13.48 12.29
CA GLU A 142 7.95 13.81 11.87
C GLU A 142 7.95 14.54 10.53
N GLU A 143 8.98 15.32 10.23
CA GLU A 143 9.07 15.96 8.92
C GLU A 143 9.11 14.92 7.80
N LEU A 144 9.87 13.84 8.01
CA LEU A 144 9.94 12.77 7.01
C LEU A 144 8.65 11.97 6.98
N ALA A 145 8.09 11.64 8.15
CA ALA A 145 6.82 10.92 8.17
C ALA A 145 5.70 11.74 7.56
N ARG A 146 5.73 13.07 7.72
CA ARG A 146 4.72 13.91 7.10
C ARG A 146 4.79 13.81 5.57
N SER A 147 5.99 13.88 5.01
CA SER A 147 6.13 13.79 3.55
C SER A 147 5.68 12.43 3.04
N PHE A 148 6.12 11.36 3.70
CA PHE A 148 5.70 10.01 3.32
C PHE A 148 4.19 9.85 3.43
N PHE A 149 3.63 10.22 4.58
CA PHE A 149 2.20 10.05 4.80
C PHE A 149 1.38 10.86 3.79
N TRP A 150 1.82 12.08 3.49
CA TRP A 150 1.13 12.91 2.51
C TRP A 150 1.08 12.22 1.15
N GLN A 151 2.21 11.64 0.71
CA GLN A 151 2.23 10.98 -0.58
C GLN A 151 1.36 9.73 -0.59
N VAL A 152 1.30 9.01 0.53
CA VAL A 152 0.41 7.85 0.61
C VAL A 152 -1.03 8.30 0.49
N LEU A 153 -1.39 9.41 1.14
CA LEU A 153 -2.74 9.94 1.04
C LEU A 153 -3.09 10.31 -0.40
N GLU A 154 -2.16 10.97 -1.11
CA GLU A 154 -2.42 11.31 -2.51
C GLU A 154 -2.58 10.05 -3.35
N ALA A 155 -1.76 9.02 -3.09
CA ALA A 155 -1.87 7.77 -3.83
C ALA A 155 -3.21 7.09 -3.59
N VAL A 156 -3.65 7.04 -2.33
CA VAL A 156 -4.92 6.38 -2.01
C VAL A 156 -6.09 7.18 -2.58
N ARG A 157 -6.02 8.51 -2.54
CA ARG A 157 -7.03 9.33 -3.19
C ARG A 157 -7.13 9.00 -4.67
N HIS A 158 -5.98 8.80 -5.32
CA HIS A 158 -5.98 8.44 -6.74
C HIS A 158 -6.68 7.11 -6.97
N CYS A 159 -6.40 6.12 -6.12
CA CYS A 159 -7.07 4.82 -6.22
C CYS A 159 -8.58 4.98 -6.11
N HIS A 160 -9.04 5.69 -5.08
CA HIS A 160 -10.48 5.84 -4.87
C HIS A 160 -11.11 6.62 -6.03
N ASN A 161 -10.41 7.62 -6.56
CA ASN A 161 -10.93 8.35 -7.71
C ASN A 161 -11.05 7.47 -8.94
N CYS A 162 -10.23 6.43 -9.03
CA CYS A 162 -10.30 5.47 -10.13
C CYS A 162 -11.23 4.31 -9.82
N GLY A 163 -11.93 4.33 -8.69
CA GLY A 163 -12.85 3.27 -8.34
C GLY A 163 -12.21 2.05 -7.72
N VAL A 164 -11.02 2.19 -7.13
CA VAL A 164 -10.24 1.06 -6.64
C VAL A 164 -10.00 1.22 -5.15
N LEU A 165 -10.26 0.17 -4.39
CA LEU A 165 -9.97 0.09 -2.96
C LEU A 165 -8.82 -0.89 -2.76
N HIS A 166 -7.72 -0.40 -2.17
CA HIS A 166 -6.51 -1.23 -2.09
C HIS A 166 -6.67 -2.35 -1.06
N ARG A 167 -7.20 -2.02 0.12
CA ARG A 167 -7.51 -2.95 1.21
C ARG A 167 -6.30 -3.60 1.86
N ASP A 168 -5.08 -3.18 1.53
CA ASP A 168 -3.91 -3.72 2.21
C ASP A 168 -2.83 -2.64 2.34
N ILE A 169 -3.24 -1.44 2.76
CA ILE A 169 -2.28 -0.36 3.00
C ILE A 169 -1.41 -0.74 4.19
N LYS A 170 -0.10 -0.83 3.99
CA LYS A 170 0.85 -1.09 5.06
C LYS A 170 2.24 -0.75 4.55
N ASP A 171 3.21 -0.69 5.48
CA ASP A 171 4.55 -0.28 5.08
C ASP A 171 5.18 -1.29 4.13
N GLU A 172 4.81 -2.57 4.25
CA GLU A 172 5.34 -3.59 3.34
C GLU A 172 4.90 -3.35 1.91
N ASN A 173 3.76 -2.68 1.70
CA ASN A 173 3.24 -2.45 0.36
C ASN A 173 3.50 -1.03 -0.13
N ILE A 174 4.60 -0.41 0.32
CA ILE A 174 4.97 0.92 -0.10
C ILE A 174 6.46 0.90 -0.47
N LEU A 175 6.76 1.26 -1.71
CA LEU A 175 8.13 1.37 -2.18
C LEU A 175 8.58 2.82 -2.15
N ILE A 176 9.83 3.04 -1.75
CA ILE A 176 10.43 4.36 -1.70
C ILE A 176 11.44 4.47 -2.83
N ASP A 177 11.21 5.40 -3.75
CA ASP A 177 12.23 5.76 -4.74
C ASP A 177 13.26 6.64 -4.03
N LEU A 178 14.40 6.05 -3.69
CA LEU A 178 15.38 6.72 -2.83
C LEU A 178 16.02 7.92 -3.49
N ASN A 179 16.07 7.98 -4.82
CA ASN A 179 16.67 9.12 -5.50
C ASN A 179 15.68 10.25 -5.74
N ARG A 180 14.44 9.93 -6.10
CA ARG A 180 13.43 10.96 -6.34
C ARG A 180 12.62 11.30 -5.10
N GLY A 181 12.70 10.49 -4.04
CA GLY A 181 11.91 10.74 -2.85
C GLY A 181 10.42 10.53 -3.04
N GLU A 182 10.04 9.66 -3.98
CA GLU A 182 8.64 9.39 -4.27
C GLU A 182 8.26 8.00 -3.76
N LEU A 183 7.06 7.91 -3.20
CA LEU A 183 6.52 6.66 -2.70
C LEU A 183 5.54 6.05 -3.69
N LYS A 184 5.53 4.73 -3.77
CA LYS A 184 4.65 3.99 -4.67
C LYS A 184 3.90 2.91 -3.92
N LEU A 185 2.58 2.91 -4.04
CA LEU A 185 1.75 1.86 -3.48
C LEU A 185 1.79 0.64 -4.41
N ILE A 186 1.99 -0.55 -3.82
CA ILE A 186 2.15 -1.78 -4.60
C ILE A 186 1.21 -2.85 -4.06
N ASP A 187 1.19 -3.98 -4.77
CA ASP A 187 0.43 -5.17 -4.42
C ASP A 187 -1.06 -4.89 -4.24
N PHE A 188 -1.79 -4.84 -5.36
CA PHE A 188 -3.23 -4.71 -5.35
C PHE A 188 -3.93 -6.07 -5.32
N GLY A 189 -3.23 -7.13 -4.93
CA GLY A 189 -3.77 -8.47 -4.95
C GLY A 189 -4.86 -8.75 -3.93
N SER A 190 -5.08 -7.84 -2.98
CA SER A 190 -6.15 -7.98 -2.00
C SER A 190 -7.24 -6.93 -2.19
N GLY A 191 -7.16 -6.13 -3.25
CA GLY A 191 -8.07 -5.02 -3.43
C GLY A 191 -9.42 -5.43 -3.99
N ALA A 192 -10.25 -4.41 -4.22
CA ALA A 192 -11.58 -4.62 -4.78
C ALA A 192 -12.03 -3.32 -5.42
N LEU A 193 -13.08 -3.42 -6.24
CA LEU A 193 -13.73 -2.23 -6.74
C LEU A 193 -14.31 -1.44 -5.57
N LEU A 194 -14.18 -0.12 -5.62
CA LEU A 194 -14.72 0.71 -4.56
C LEU A 194 -16.25 0.75 -4.65
N LYS A 195 -16.92 0.53 -3.53
CA LYS A 195 -18.37 0.62 -3.47
C LYS A 195 -18.75 1.36 -2.20
N ASP A 196 -20.00 1.80 -2.14
CA ASP A 196 -20.51 2.54 -1.00
C ASP A 196 -21.25 1.66 0.00
N THR A 197 -21.47 0.39 -0.33
CA THR A 197 -22.14 -0.53 0.57
C THR A 197 -21.10 -1.28 1.41
N VAL A 198 -21.60 -2.13 2.30
CA VAL A 198 -20.73 -2.78 3.28
C VAL A 198 -19.95 -3.90 2.61
N TYR A 199 -18.69 -4.06 3.00
CA TYR A 199 -17.89 -5.21 2.61
C TYR A 199 -18.00 -6.29 3.68
N THR A 200 -18.08 -7.55 3.24
CA THR A 200 -18.10 -8.68 4.15
C THR A 200 -16.94 -9.63 3.92
N ASP A 201 -16.09 -9.38 2.93
CA ASP A 201 -14.88 -10.16 2.69
C ASP A 201 -13.66 -9.29 2.94
N PHE A 202 -12.55 -9.94 3.29
CA PHE A 202 -11.30 -9.24 3.56
C PHE A 202 -10.16 -10.23 3.46
N ASP A 203 -9.13 -9.87 2.69
CA ASP A 203 -7.93 -10.70 2.55
C ASP A 203 -6.65 -9.90 2.77
N GLY A 204 -6.76 -8.72 3.40
CA GLY A 204 -5.60 -7.90 3.71
C GLY A 204 -4.88 -8.36 4.95
N THR A 205 -4.22 -7.41 5.63
CA THR A 205 -3.39 -7.69 6.80
C THR A 205 -4.18 -7.39 8.06
N ARG A 206 -4.31 -8.40 8.93
CA ARG A 206 -5.22 -8.30 10.07
C ARG A 206 -4.82 -7.20 11.05
N VAL A 207 -3.52 -7.04 11.30
CA VAL A 207 -3.08 -6.03 12.26
C VAL A 207 -3.27 -4.61 11.75
N TYR A 208 -3.59 -4.45 10.46
CA TYR A 208 -3.98 -3.17 9.90
C TYR A 208 -5.49 -3.03 9.71
N SER A 209 -6.28 -4.09 10.07
CA SER A 209 -7.72 -4.07 9.80
C SER A 209 -8.47 -3.40 10.95
N PRO A 210 -9.62 -2.80 10.67
CA PRO A 210 -10.31 -1.98 11.67
C PRO A 210 -11.09 -2.83 12.65
N PRO A 211 -11.45 -2.28 13.82
CA PRO A 211 -12.16 -3.09 14.82
C PRO A 211 -13.52 -3.58 14.37
N GLU A 212 -14.19 -2.87 13.45
CA GLU A 212 -15.48 -3.35 12.96
C GLU A 212 -15.32 -4.63 12.15
N TRP A 213 -14.15 -4.84 11.54
CA TRP A 213 -13.90 -6.11 10.88
C TRP A 213 -13.62 -7.21 11.90
N ILE A 214 -12.82 -6.90 12.92
CA ILE A 214 -12.50 -7.89 13.95
C ILE A 214 -13.77 -8.37 14.66
N ARG A 215 -14.67 -7.44 14.98
CA ARG A 215 -15.84 -7.78 15.78
C ARG A 215 -16.97 -8.36 14.93
N TYR A 216 -17.33 -7.68 13.83
CA TYR A 216 -18.55 -8.00 13.11
C TYR A 216 -18.31 -8.51 11.69
N HIS A 217 -17.05 -8.62 11.25
CA HIS A 217 -16.75 -9.02 9.88
C HIS A 217 -17.44 -8.13 8.85
N ARG A 218 -17.53 -6.84 9.18
CA ARG A 218 -18.16 -5.85 8.30
C ARG A 218 -17.34 -4.57 8.33
N TYR A 219 -17.26 -3.89 7.19
CA TYR A 219 -16.59 -2.60 7.11
C TYR A 219 -17.01 -1.90 5.83
N HIS A 220 -16.89 -0.57 5.85
CA HIS A 220 -17.02 0.23 4.64
C HIS A 220 -15.63 0.64 4.18
N GLY A 221 -15.50 0.85 2.86
CA GLY A 221 -14.17 0.93 2.26
C GLY A 221 -13.36 2.10 2.75
N ARG A 222 -13.94 3.30 2.73
CA ARG A 222 -13.18 4.50 3.03
C ARG A 222 -12.78 4.55 4.50
N SER A 223 -13.73 4.25 5.40
CA SER A 223 -13.40 4.31 6.82
C SER A 223 -12.41 3.23 7.22
N ALA A 224 -12.46 2.07 6.55
CA ALA A 224 -11.46 1.04 6.79
C ALA A 224 -10.08 1.47 6.31
N ALA A 225 -10.02 2.15 5.16
CA ALA A 225 -8.74 2.64 4.67
C ALA A 225 -8.14 3.66 5.62
N VAL A 226 -8.97 4.54 6.18
CA VAL A 226 -8.48 5.56 7.11
C VAL A 226 -7.91 4.91 8.37
N TRP A 227 -8.53 3.85 8.85
CA TRP A 227 -7.99 3.13 10.00
C TRP A 227 -6.59 2.60 9.69
N SER A 228 -6.42 1.95 8.54
CA SER A 228 -5.12 1.42 8.19
C SER A 228 -4.09 2.52 8.03
N LEU A 229 -4.53 3.70 7.60
CA LEU A 229 -3.64 4.86 7.52
C LEU A 229 -3.20 5.33 8.90
N GLY A 230 -4.10 5.25 9.88
CA GLY A 230 -3.71 5.56 11.25
C GLY A 230 -2.68 4.58 11.79
N ILE A 231 -2.86 3.29 11.52
CA ILE A 231 -1.85 2.29 11.88
C ILE A 231 -0.53 2.61 11.19
N LEU A 232 -0.59 2.97 9.91
CA LEU A 232 0.62 3.28 9.16
C LEU A 232 1.34 4.51 9.72
N LEU A 233 0.58 5.54 10.11
CA LEU A 233 1.20 6.75 10.61
C LEU A 233 1.87 6.52 11.97
N TYR A 234 1.19 5.80 12.87
CA TYR A 234 1.83 5.40 14.12
C TYR A 234 3.10 4.61 13.85
N ASP A 235 3.04 3.68 12.89
CA ASP A 235 4.19 2.86 12.53
C ASP A 235 5.38 3.73 12.13
N MET A 236 5.14 4.80 11.37
CA MET A 236 6.24 5.65 10.90
C MET A 236 6.85 6.45 12.05
N VAL A 237 6.04 7.03 12.92
CA VAL A 237 6.58 7.92 13.94
C VAL A 237 6.99 7.21 15.22
N CYS A 238 6.60 5.95 15.40
CA CYS A 238 7.01 5.18 16.57
C CYS A 238 7.97 4.05 16.26
N GLY A 239 8.11 3.66 14.99
CA GLY A 239 9.02 2.60 14.60
C GLY A 239 8.40 1.22 14.52
N ASP A 240 7.14 1.07 14.93
CA ASP A 240 6.42 -0.20 14.75
C ASP A 240 4.94 0.08 14.93
N ILE A 241 4.12 -0.88 14.51
CA ILE A 241 2.67 -0.74 14.54
C ILE A 241 2.19 -0.76 15.99
N PRO A 242 1.04 -0.16 16.32
CA PRO A 242 0.61 -0.10 17.72
C PRO A 242 0.02 -1.41 18.23
N PHE A 243 -0.69 -2.13 17.36
CA PHE A 243 -1.48 -3.29 17.77
C PHE A 243 -0.94 -4.56 17.13
N GLU A 244 -0.84 -5.62 17.93
CA GLU A 244 -0.49 -6.95 17.44
C GLU A 244 -1.60 -7.97 17.64
N HIS A 245 -2.53 -7.74 18.56
CA HIS A 245 -3.56 -8.71 18.92
C HIS A 245 -4.94 -8.11 18.74
N ASP A 246 -5.93 -9.00 18.56
CA ASP A 246 -7.30 -8.55 18.32
C ASP A 246 -7.81 -7.66 19.45
N GLU A 247 -7.47 -8.01 20.69
CA GLU A 247 -7.96 -7.25 21.84
C GLU A 247 -7.43 -5.83 21.83
N GLU A 248 -6.21 -5.62 21.32
CA GLU A 248 -5.66 -4.28 21.21
C GLU A 248 -6.37 -3.48 20.11
N ILE A 249 -6.72 -4.15 19.00
CA ILE A 249 -7.38 -3.45 17.90
C ILE A 249 -8.72 -2.88 18.35
N ILE A 250 -9.52 -3.70 19.03
CA ILE A 250 -10.83 -3.26 19.48
C ILE A 250 -10.78 -2.51 20.81
N GLY A 251 -9.63 -2.48 21.47
CA GLY A 251 -9.56 -1.89 22.80
C GLY A 251 -9.81 -0.39 22.81
N GLY A 252 -9.28 0.32 21.83
CA GLY A 252 -9.46 1.75 21.76
C GLY A 252 -8.48 2.58 22.55
N GLN A 253 -7.30 2.04 22.88
CA GLN A 253 -6.27 2.77 23.60
C GLN A 253 -5.00 2.77 22.77
N VAL A 254 -4.45 3.96 22.53
CA VAL A 254 -3.23 4.12 21.75
C VAL A 254 -2.15 4.66 22.69
N PHE A 255 -1.19 3.80 23.04
CA PHE A 255 -0.03 4.19 23.83
C PHE A 255 1.10 4.56 22.89
N PHE A 256 1.73 5.69 23.13
CA PHE A 256 2.83 6.18 22.29
C PHE A 256 4.16 5.80 22.95
N ARG A 257 4.89 4.90 22.30
CA ARG A 257 6.17 4.40 22.79
C ARG A 257 7.33 5.32 22.44
N GLN A 258 7.10 6.35 21.64
CA GLN A 258 8.13 7.30 21.28
C GLN A 258 7.60 8.71 21.50
N ARG A 259 8.51 9.66 21.59
CA ARG A 259 8.13 11.07 21.64
C ARG A 259 7.46 11.45 20.33
N VAL A 260 6.17 11.81 20.39
CA VAL A 260 5.39 12.20 19.23
C VAL A 260 4.65 13.50 19.57
N SER A 261 4.71 14.47 18.68
CA SER A 261 4.07 15.76 18.91
C SER A 261 2.57 15.59 19.18
N GLU A 263 0.13 17.30 18.04
CA GLU A 263 -0.62 17.42 16.80
C GLU A 263 -0.66 16.08 16.06
N CYS A 264 0.51 15.41 15.98
CA CYS A 264 0.56 14.11 15.31
C CYS A 264 -0.22 13.05 16.09
N GLN A 265 -0.12 13.06 17.43
CA GLN A 265 -0.89 12.13 18.25
C GLN A 265 -2.38 12.28 18.02
N HIS A 266 -2.86 13.53 17.92
CA HIS A 266 -4.28 13.78 17.70
C HIS A 266 -4.74 13.21 16.37
N LEU A 267 -3.98 13.46 15.30
CA LEU A 267 -4.35 12.93 14.00
C LEU A 267 -4.41 11.40 14.01
N ILE A 268 -3.41 10.78 14.63
CA ILE A 268 -3.37 9.31 14.73
C ILE A 268 -4.60 8.80 15.48
N ARG A 269 -4.88 9.38 16.65
CA ARG A 269 -6.03 8.91 17.43
C ARG A 269 -7.34 9.17 16.69
N TRP A 270 -7.41 10.25 15.92
CA TRP A 270 -8.59 10.50 15.10
C TRP A 270 -8.78 9.41 14.06
N CYS A 271 -7.69 9.06 13.35
CA CYS A 271 -7.77 7.98 12.37
C CYS A 271 -8.13 6.64 13.01
N LEU A 272 -7.75 6.44 14.26
CA LEU A 272 -8.00 5.18 14.97
C LEU A 272 -9.23 5.26 15.85
N ALA A 273 -10.17 6.13 15.52
CA ALA A 273 -11.44 6.16 16.24
C ALA A 273 -12.16 4.81 16.08
N LEU A 274 -12.67 4.29 17.20
CA LEU A 274 -13.34 3.00 17.16
C LEU A 274 -14.58 3.03 16.28
N ARG A 275 -15.38 4.09 16.38
CA ARG A 275 -16.56 4.22 15.53
C ARG A 275 -16.13 4.69 14.15
N PRO A 276 -16.48 3.96 13.08
CA PRO A 276 -16.03 4.39 11.74
C PRO A 276 -16.45 5.80 11.37
N SER A 277 -17.67 6.20 11.73
CA SER A 277 -18.15 7.53 11.36
C SER A 277 -17.41 8.65 12.09
N ASP A 278 -16.72 8.32 13.18
CA ASP A 278 -15.90 9.31 13.88
C ASP A 278 -14.53 9.52 13.24
N ARG A 279 -14.14 8.69 12.28
CA ARG A 279 -12.84 8.83 11.63
C ARG A 279 -12.87 9.96 10.61
N PRO A 280 -11.74 10.62 10.38
CA PRO A 280 -11.71 11.72 9.42
C PRO A 280 -11.79 11.24 7.98
N THR A 281 -12.27 12.12 7.12
CA THR A 281 -12.17 11.91 5.68
C THR A 281 -10.76 12.25 5.21
N PHE A 282 -10.46 11.88 3.95
CA PHE A 282 -9.16 12.23 3.39
C PHE A 282 -8.92 13.73 3.41
N GLU A 283 -9.97 14.51 3.11
CA GLU A 283 -9.84 15.96 3.15
C GLU A 283 -9.52 16.45 4.56
N GLU A 284 -10.19 15.90 5.58
CA GLU A 284 -9.93 16.31 6.95
C GLU A 284 -8.52 15.93 7.39
N ILE A 285 -7.99 14.81 6.91
CA ILE A 285 -6.62 14.43 7.24
C ILE A 285 -5.63 15.43 6.65
N GLN A 286 -5.79 15.76 5.37
CA GLN A 286 -4.84 16.65 4.71
C GLN A 286 -5.00 18.10 5.15
N ASN A 287 -6.15 18.46 5.74
CA ASN A 287 -6.32 19.78 6.34
C ASN A 287 -5.91 19.83 7.80
N HIS A 288 -5.47 18.71 8.37
CA HIS A 288 -5.08 18.68 9.77
C HIS A 288 -3.83 19.54 9.98
N PRO A 289 -3.75 20.28 11.08
CA PRO A 289 -2.57 21.12 11.34
C PRO A 289 -1.24 20.40 11.21
N TRP A 290 -1.18 19.12 11.60
CA TRP A 290 0.09 18.39 11.51
C TRP A 290 0.53 18.15 10.07
N MET A 291 -0.38 18.22 9.11
CA MET A 291 -0.07 17.90 7.72
C MET A 291 0.34 19.10 6.89
N GLN A 292 0.48 20.27 7.50
CA GLN A 292 0.77 21.48 6.75
C GLN A 292 2.27 21.62 6.50
N ASP A 293 2.60 22.36 5.44
CA ASP A 293 3.99 22.64 5.06
C ASP A 293 4.76 21.38 4.74
N VAL A 294 4.13 20.47 3.98
CA VAL A 294 4.78 19.22 3.62
C VAL A 294 5.94 19.50 2.66
N LEU A 295 7.01 18.71 2.78
CA LEU A 295 8.13 18.82 1.87
C LEU A 295 7.77 18.25 0.49
N LEU A 296 8.40 18.81 -0.54
CA LEU A 296 8.30 18.23 -1.87
C LEU A 296 9.08 16.92 -1.92
N PRO A 297 8.74 16.03 -2.87
CA PRO A 297 9.48 14.76 -2.96
C PRO A 297 10.98 14.96 -3.16
N GLN A 298 11.38 15.88 -4.04
CA GLN A 298 12.80 16.13 -4.25
C GLN A 298 13.47 16.65 -2.98
N GLU A 299 12.80 17.53 -2.25
CA GLU A 299 13.33 18.00 -0.97
C GLU A 299 13.45 16.85 0.02
N THR A 300 12.49 15.92 0.00
CA THR A 300 12.53 14.78 0.91
C THR A 300 13.75 13.91 0.64
N ALA A 301 14.04 13.65 -0.64
CA ALA A 301 15.19 12.82 -0.98
C ALA A 301 16.50 13.50 -0.59
N GLU A 302 16.62 14.81 -0.85
CA GLU A 302 17.87 15.49 -0.58
C GLU A 302 18.14 15.64 0.90
N ILE A 303 17.08 15.85 1.71
CA ILE A 303 17.28 16.08 3.13
C ILE A 303 17.39 14.77 3.89
N HIS A 304 16.58 13.77 3.54
CA HIS A 304 16.46 12.58 4.35
C HIS A 304 16.93 11.29 3.69
N LEU A 305 17.10 11.27 2.37
CA LEU A 305 17.43 10.04 1.67
C LEU A 305 18.80 10.04 0.99
N HIS A 306 19.30 11.19 0.56
CA HIS A 306 20.59 11.25 -0.11
C HIS A 306 21.74 11.25 0.91
N ARG B 2 12.23 -4.91 21.31
CA ARG B 2 10.90 -5.41 20.95
C ARG B 2 10.92 -5.93 19.51
N LYS B 3 10.27 -7.08 19.30
CA LYS B 3 10.36 -7.78 18.02
C LYS B 3 9.42 -7.15 17.01
N ARG B 4 9.99 -6.54 15.98
CA ARG B 4 9.24 -6.02 14.85
C ARG B 4 9.24 -7.06 13.73
N ARG B 5 8.06 -7.33 13.16
CA ARG B 5 7.94 -8.39 12.18
C ARG B 5 6.96 -7.99 11.08
N ARG B 6 7.11 -8.64 9.94
CA ARG B 6 6.14 -8.55 8.86
C ARG B 6 4.90 -9.37 9.22
N HIS B 7 3.80 -9.07 8.53
CA HIS B 7 2.54 -9.79 8.73
C HIS B 7 1.97 -10.17 7.36
N PRO B 8 2.01 -11.45 6.99
CA PRO B 8 1.50 -11.85 5.68
C PRO B 8 0.02 -11.50 5.53
N SER B 9 -0.39 -11.26 4.28
CA SER B 9 -1.76 -10.89 3.98
C SER B 9 -2.64 -12.14 3.88
N GLY B 10 -3.86 -12.02 4.38
CA GLY B 10 -4.81 -13.12 4.35
C GLY B 10 -4.79 -13.98 5.61
#